data_1H7U
#
_entry.id   1H7U
#
_cell.length_a   74.357
_cell.length_b   73.868
_cell.length_c   136.120
_cell.angle_alpha   90.00
_cell.angle_beta   90.00
_cell.angle_gamma   90.00
#
_symmetry.space_group_name_H-M   'P 21 21 21'
#
loop_
_entity.id
_entity.type
_entity.pdbx_description
1 polymer 'MISMATCH REPAIR ENDONUCLEASE PMS2'
2 non-polymer 'MAGNESIUM ION'
3 non-polymer 'PHOSPHOTHIOPHOSPHORIC ACID-ADENYLATE ESTER'
4 water water
#
_entity_poly.entity_id   1
_entity_poly.type   'polypeptide(L)'
_entity_poly.pdbx_seq_one_letter_code
;MERAESSSTEPAKAIKPIDRKSVHQICSGQVVLSLSTAVKELVENSLDAGATNIDLKLKDYGVDLIEVSDNGCGVEEENF
EGLTLKHHTSKIQEFADLTQVETFGFRGEALSSLCALSDVTISTCHASAKVGTRLMFDHNGKIIQKTPYPRPRGTTVSVQ
QLFSTLPVRHKEFQRNIKKEYAKMVQVLHAYCIISAGIRVSCTNQLGQGKRQPVVCTGGSPSIKENIGSVFGQKQLQSLI
PFVQLPPSDSVCEEYGLSCSDALHNLFYISGFISQCTHGVGRSSTDRQFFFINRRPCDPAKVCRLVNEVYHMYNRHQYPF
VVLNISVDSECVDINVTPDKRQILLQEEKLLLAVLKTSLIGMFDS
;
_entity_poly.pdbx_strand_id   A,B
#
loop_
_chem_comp.id
_chem_comp.type
_chem_comp.name
_chem_comp.formula
AGS non-polymer 'PHOSPHOTHIOPHOSPHORIC ACID-ADENYLATE ESTER' 'C10 H16 N5 O12 P3 S'
MG non-polymer 'MAGNESIUM ION' 'Mg 2'
#
# COMPACT_ATOMS: atom_id res chain seq x y z
N VAL A 31 -3.90 26.44 6.03
CA VAL A 31 -5.02 25.44 6.02
C VAL A 31 -4.67 24.08 6.65
N VAL A 32 -4.57 24.11 7.97
CA VAL A 32 -4.33 22.96 8.84
C VAL A 32 -5.22 23.43 10.01
N LEU A 33 -6.51 23.24 9.75
CA LEU A 33 -7.56 23.64 10.67
C LEU A 33 -8.37 22.46 11.22
N SER A 34 -8.28 21.30 10.56
CA SER A 34 -8.96 20.06 11.00
C SER A 34 -8.07 18.85 10.63
N LEU A 35 -8.39 17.67 11.12
CA LEU A 35 -7.58 16.50 10.78
C LEU A 35 -7.76 16.21 9.31
N SER A 36 -9.00 16.29 8.83
CA SER A 36 -9.29 16.05 7.44
C SER A 36 -8.56 17.04 6.53
N THR A 37 -8.56 18.33 6.86
CA THR A 37 -7.88 19.27 5.99
C THR A 37 -6.37 19.01 5.99
N ALA A 38 -5.85 18.41 7.06
CA ALA A 38 -4.41 18.11 7.14
C ALA A 38 -4.01 16.95 6.26
N VAL A 39 -4.89 15.96 6.17
CA VAL A 39 -4.65 14.77 5.38
C VAL A 39 -4.90 15.02 3.89
N LYS A 40 -5.87 15.88 3.59
CA LYS A 40 -6.23 16.19 2.21
C LYS A 40 -5.07 16.93 1.59
N GLU A 41 -4.49 17.83 2.36
CA GLU A 41 -3.36 18.63 1.92
C GLU A 41 -2.17 17.75 1.57
N LEU A 42 -1.91 16.77 2.44
CA LEU A 42 -0.83 15.82 2.27
C LEU A 42 -1.07 14.91 1.07
N VAL A 43 -2.30 14.38 0.96
CA VAL A 43 -2.65 13.49 -0.14
C VAL A 43 -2.54 14.24 -1.46
N GLU A 44 -2.96 15.51 -1.45
CA GLU A 44 -2.89 16.27 -2.67
C GLU A 44 -1.43 16.49 -3.06
N ASN A 45 -0.57 16.68 -2.06
CA ASN A 45 0.84 16.86 -2.35
C ASN A 45 1.38 15.63 -3.08
N SER A 46 0.98 14.45 -2.61
CA SER A 46 1.41 13.23 -3.24
C SER A 46 0.90 13.12 -4.67
N LEU A 47 -0.38 13.41 -4.87
CA LEU A 47 -0.96 13.34 -6.21
C LEU A 47 -0.21 14.26 -7.17
N ASP A 48 0.02 15.51 -6.74
CA ASP A 48 0.73 16.49 -7.54
C ASP A 48 2.15 16.06 -7.84
N ALA A 49 2.69 15.22 -6.98
CA ALA A 49 4.05 14.74 -7.15
C ALA A 49 4.07 13.57 -8.15
N GLY A 50 2.89 13.22 -8.67
CA GLY A 50 2.79 12.12 -9.62
C GLY A 50 2.89 10.71 -9.04
N ALA A 51 2.52 10.57 -7.77
CA ALA A 51 2.56 9.27 -7.11
C ALA A 51 1.54 8.30 -7.69
N THR A 52 1.88 7.01 -7.67
CA THR A 52 0.98 5.95 -8.13
C THR A 52 0.68 5.10 -6.89
N ASN A 53 1.48 5.29 -5.84
CA ASN A 53 1.29 4.62 -4.57
C ASN A 53 1.26 5.70 -3.49
N ILE A 54 0.23 5.69 -2.66
CA ILE A 54 0.10 6.63 -1.56
C ILE A 54 -0.37 5.84 -0.36
N ASP A 55 0.53 5.63 0.60
CA ASP A 55 0.19 4.89 1.80
C ASP A 55 0.15 5.83 3.00
N LEU A 56 -0.99 5.83 3.67
CA LEU A 56 -1.23 6.70 4.81
C LEU A 56 -1.22 5.87 6.10
N LYS A 57 -0.33 6.17 7.04
CA LYS A 57 -0.30 5.46 8.32
C LYS A 57 -0.81 6.39 9.41
N LEU A 58 -1.72 5.91 10.25
CA LEU A 58 -2.25 6.73 11.33
C LEU A 58 -2.13 5.99 12.67
N LYS A 59 -1.85 6.74 13.73
CA LYS A 59 -1.78 6.14 15.06
C LYS A 59 -2.72 6.95 15.92
N ASP A 60 -3.55 6.26 16.69
CA ASP A 60 -4.53 6.92 17.56
C ASP A 60 -5.39 7.88 16.75
N TYR A 61 -5.86 7.41 15.60
CA TYR A 61 -6.72 8.17 14.69
C TYR A 61 -6.05 9.47 14.22
N GLY A 62 -4.73 9.41 14.12
CA GLY A 62 -3.97 10.56 13.65
C GLY A 62 -3.54 11.53 14.72
N VAL A 63 -4.06 11.29 15.92
CA VAL A 63 -3.75 12.13 17.05
C VAL A 63 -2.30 12.04 17.39
N ASP A 64 -1.71 10.85 17.25
CA ASP A 64 -0.30 10.63 17.57
C ASP A 64 0.58 10.71 16.33
N LEU A 65 0.11 10.16 15.21
CA LEU A 65 0.88 10.19 13.99
C LEU A 65 0.06 10.07 12.72
N ILE A 66 0.42 10.90 11.75
CA ILE A 66 -0.22 10.92 10.44
C ILE A 66 0.94 10.86 9.47
N GLU A 67 1.19 9.70 8.88
CA GLU A 67 2.32 9.55 7.96
C GLU A 67 1.86 9.24 6.56
N VAL A 68 2.32 10.03 5.60
CA VAL A 68 1.94 9.80 4.22
C VAL A 68 3.17 9.44 3.41
N SER A 69 3.15 8.23 2.87
CA SER A 69 4.27 7.72 2.09
C SER A 69 3.89 7.57 0.62
N ASP A 70 4.66 8.17 -0.28
CA ASP A 70 4.37 8.07 -1.70
C ASP A 70 5.57 7.82 -2.59
N ASN A 71 5.32 7.33 -3.80
CA ASN A 71 6.41 7.07 -4.75
C ASN A 71 6.42 8.11 -5.86
N GLY A 72 6.02 9.34 -5.53
CA GLY A 72 6.01 10.41 -6.52
C GLY A 72 7.42 10.81 -6.90
N CYS A 73 7.60 12.05 -7.37
CA CYS A 73 8.90 12.55 -7.82
C CYS A 73 9.91 12.91 -6.75
N GLY A 74 9.46 13.08 -5.52
CA GLY A 74 10.40 13.42 -4.47
C GLY A 74 10.93 14.84 -4.55
N VAL A 75 11.90 15.14 -3.71
CA VAL A 75 12.47 16.48 -3.67
C VAL A 75 13.96 16.56 -3.93
N GLU A 76 14.29 17.61 -4.65
CA GLU A 76 15.65 17.92 -5.06
C GLU A 76 16.28 18.74 -3.95
N GLU A 77 17.57 18.58 -3.73
CA GLU A 77 18.23 19.30 -2.66
C GLU A 77 18.13 20.81 -2.70
N GLU A 78 18.16 21.42 -3.89
CA GLU A 78 18.07 22.87 -4.02
C GLU A 78 16.82 23.42 -3.33
N ASN A 79 15.78 22.59 -3.23
CA ASN A 79 14.53 23.03 -2.61
C ASN A 79 14.23 22.55 -1.19
N PHE A 80 15.19 21.94 -0.52
CA PHE A 80 14.94 21.49 0.84
C PHE A 80 14.58 22.67 1.72
N GLU A 81 15.41 23.72 1.72
CA GLU A 81 15.18 24.91 2.53
C GLU A 81 13.89 25.62 2.12
N GLY A 82 13.39 25.29 0.93
CA GLY A 82 12.19 25.95 0.46
C GLY A 82 10.92 25.17 0.62
N LEU A 83 10.98 24.04 1.33
CA LEU A 83 9.81 23.20 1.54
C LEU A 83 8.80 23.88 2.47
N THR A 84 9.26 24.52 3.54
CA THR A 84 8.37 25.21 4.48
C THR A 84 8.52 26.71 4.34
N LEU A 85 7.93 27.20 3.24
CA LEU A 85 7.98 28.59 2.80
C LEU A 85 7.30 28.79 1.38
N LYS A 86 7.13 30.06 0.92
CA LYS A 86 6.59 30.53 -0.43
C LYS A 86 5.13 30.49 -0.93
N GLY A 108 -3.10 27.98 0.31
CA GLY A 108 -1.73 28.42 0.11
C GLY A 108 -0.71 28.18 1.24
N GLU A 109 0.27 27.33 0.90
CA GLU A 109 1.41 26.90 1.69
C GLU A 109 1.21 26.48 3.16
N ALA A 110 0.69 25.26 3.23
CA ALA A 110 0.33 24.53 4.42
C ALA A 110 1.41 23.57 4.90
N LEU A 111 2.49 23.42 4.16
CA LEU A 111 3.54 22.53 4.64
C LEU A 111 4.24 23.23 5.79
N SER A 112 4.36 24.56 5.67
CA SER A 112 4.99 25.36 6.70
C SER A 112 4.11 25.37 7.93
N SER A 113 2.80 25.42 7.70
CA SER A 113 1.81 25.42 8.78
C SER A 113 1.94 24.17 9.63
N LEU A 114 2.01 23.03 8.94
CA LEU A 114 2.13 21.77 9.64
C LEU A 114 3.30 21.76 10.60
N CYS A 115 4.37 22.46 10.26
CA CYS A 115 5.53 22.50 11.16
C CYS A 115 5.25 23.36 12.40
N ALA A 116 4.36 24.32 12.24
CA ALA A 116 4.02 25.21 13.32
C ALA A 116 3.09 24.49 14.30
N LEU A 117 2.35 23.53 13.77
CA LEU A 117 1.40 22.82 14.60
C LEU A 117 1.80 21.42 15.04
N SER A 118 2.90 20.92 14.50
CA SER A 118 3.37 19.57 14.85
C SER A 118 4.85 19.38 14.53
N ASP A 119 5.38 18.23 14.94
CA ASP A 119 6.76 17.88 14.64
C ASP A 119 6.71 17.15 13.29
N VAL A 120 7.32 17.75 12.26
CA VAL A 120 7.34 17.18 10.92
C VAL A 120 8.69 16.60 10.52
N THR A 121 8.68 15.36 10.06
CA THR A 121 9.89 14.67 9.59
C THR A 121 9.61 14.28 8.15
N ILE A 122 10.56 14.55 7.26
CA ILE A 122 10.39 14.23 5.85
C ILE A 122 11.59 13.52 5.26
N SER A 123 11.38 12.37 4.63
CA SER A 123 12.48 11.68 3.98
C SER A 123 12.09 11.79 2.51
N THR A 124 13.08 12.01 1.65
CA THR A 124 12.75 12.13 0.23
C THR A 124 13.93 11.81 -0.67
N CYS A 125 13.63 11.47 -1.93
CA CYS A 125 14.65 11.18 -2.94
C CYS A 125 14.13 11.45 -4.35
N HIS A 126 14.88 12.25 -5.09
CA HIS A 126 14.54 12.63 -6.46
C HIS A 126 15.19 11.60 -7.39
N ALA A 127 14.71 11.46 -8.63
CA ALA A 127 15.28 10.51 -9.58
C ALA A 127 16.77 10.82 -9.79
N SER A 128 17.05 12.11 -9.94
CA SER A 128 18.38 12.63 -10.17
C SER A 128 19.30 12.44 -8.97
N ALA A 129 18.72 12.11 -7.83
CA ALA A 129 19.52 11.97 -6.62
C ALA A 129 20.29 10.65 -6.48
N LYS A 130 21.51 10.80 -5.96
CA LYS A 130 22.39 9.67 -5.73
C LYS A 130 21.95 9.02 -4.43
N VAL A 131 21.52 9.85 -3.49
CA VAL A 131 21.05 9.34 -2.20
C VAL A 131 19.89 10.15 -1.65
N GLY A 132 18.98 9.49 -0.95
CA GLY A 132 17.85 10.18 -0.37
C GLY A 132 18.30 11.01 0.85
N THR A 133 17.36 11.73 1.45
CA THR A 133 17.66 12.57 2.61
C THR A 133 16.54 12.52 3.65
N ARG A 134 16.90 12.63 4.93
CA ARG A 134 15.92 12.65 6.02
C ARG A 134 16.04 14.02 6.66
N LEU A 135 14.89 14.71 6.76
CA LEU A 135 14.85 16.06 7.32
C LEU A 135 13.95 16.19 8.54
N MET A 136 14.43 16.91 9.55
CA MET A 136 13.69 17.15 10.78
C MET A 136 13.49 18.66 10.88
N PHE A 137 12.24 19.08 11.07
CA PHE A 137 11.91 20.50 11.15
C PHE A 137 11.41 20.97 12.50
N ASP A 138 11.85 22.16 12.89
CA ASP A 138 11.40 22.78 14.15
C ASP A 138 10.11 23.52 13.76
N HIS A 139 9.39 24.06 14.75
CA HIS A 139 8.12 24.71 14.44
C HIS A 139 8.18 25.97 13.59
N ASN A 140 9.37 26.54 13.40
CA ASN A 140 9.45 27.74 12.58
C ASN A 140 9.81 27.36 11.17
N GLY A 141 9.60 26.09 10.83
CA GLY A 141 9.88 25.57 9.50
C GLY A 141 11.35 25.45 9.12
N LYS A 142 12.22 25.54 10.11
CA LYS A 142 13.67 25.48 9.89
C LYS A 142 14.12 24.04 9.89
N ILE A 143 15.20 23.74 9.16
CA ILE A 143 15.74 22.39 9.13
C ILE A 143 16.65 22.19 10.34
N ILE A 144 16.24 21.29 11.24
CA ILE A 144 16.99 20.97 12.44
C ILE A 144 18.14 20.03 12.12
N GLN A 145 17.78 18.98 11.39
CA GLN A 145 18.69 17.92 11.00
C GLN A 145 18.54 17.62 9.51
N LYS A 146 19.59 17.11 8.92
CA LYS A 146 19.60 16.76 7.50
C LYS A 146 20.61 15.65 7.41
N THR A 147 20.15 14.47 7.03
CA THR A 147 21.08 13.35 6.93
C THR A 147 20.80 12.49 5.73
N PRO A 148 21.87 11.98 5.09
CA PRO A 148 21.73 11.13 3.92
C PRO A 148 20.87 9.93 4.34
N TYR A 149 20.08 9.41 3.42
CA TYR A 149 19.16 8.34 3.75
C TYR A 149 18.78 7.50 2.53
N PRO A 150 19.38 6.32 2.34
CA PRO A 150 18.93 5.60 1.14
C PRO A 150 17.48 5.16 1.15
N ARG A 151 16.73 5.62 0.15
CA ARG A 151 15.32 5.29 0.03
C ARG A 151 14.90 5.43 -1.44
N PRO A 152 13.83 4.72 -1.83
CA PRO A 152 13.36 4.79 -3.22
C PRO A 152 12.87 6.18 -3.50
N ARG A 153 12.71 6.46 -4.79
CA ARG A 153 12.23 7.76 -5.24
C ARG A 153 10.87 7.98 -4.60
N GLY A 154 10.63 9.21 -4.12
CA GLY A 154 9.36 9.50 -3.49
C GLY A 154 9.56 10.34 -2.25
N THR A 155 8.49 10.51 -1.47
CA THR A 155 8.60 11.31 -0.27
C THR A 155 7.77 10.69 0.81
N THR A 156 8.20 10.85 2.06
CA THR A 156 7.43 10.37 3.19
C THR A 156 7.35 11.49 4.19
N VAL A 157 6.14 11.97 4.44
CA VAL A 157 5.93 13.06 5.39
C VAL A 157 5.31 12.54 6.68
N SER A 158 5.97 12.80 7.80
CA SER A 158 5.45 12.36 9.09
C SER A 158 5.02 13.54 9.96
N VAL A 159 3.75 13.54 10.35
CA VAL A 159 3.20 14.58 11.21
C VAL A 159 2.94 13.99 12.60
N GLN A 160 3.84 14.31 13.52
CA GLN A 160 3.81 13.83 14.90
C GLN A 160 3.08 14.77 15.85
N GLN A 161 2.25 14.21 16.75
CA GLN A 161 1.55 15.02 17.75
C GLN A 161 0.88 16.28 17.20
N LEU A 162 0.06 16.13 16.16
CA LEU A 162 -0.58 17.30 15.57
C LEU A 162 -1.23 18.22 16.61
N PHE A 163 -1.09 19.54 16.42
CA PHE A 163 -1.65 20.55 17.32
C PHE A 163 -1.05 20.55 18.70
N SER A 164 0.09 19.94 18.89
CA SER A 164 0.61 19.91 20.24
C SER A 164 1.04 21.27 20.74
N THR A 165 1.24 22.19 19.79
CA THR A 165 1.66 23.53 20.11
C THR A 165 0.48 24.44 20.43
N LEU A 166 -0.72 23.93 20.23
CA LEU A 166 -1.95 24.67 20.53
C LEU A 166 -2.73 23.77 21.49
N PRO A 167 -2.40 23.85 22.79
CA PRO A 167 -3.04 23.04 23.83
C PRO A 167 -4.56 23.04 23.89
N VAL A 168 -5.18 24.13 23.44
CA VAL A 168 -6.64 24.24 23.48
C VAL A 168 -7.23 23.48 22.32
N ARG A 169 -6.62 23.70 21.16
CA ARG A 169 -7.04 23.06 19.91
C ARG A 169 -6.68 21.59 19.94
N HIS A 170 -5.56 21.27 20.58
CA HIS A 170 -5.14 19.88 20.65
C HIS A 170 -6.10 19.02 21.46
N LYS A 171 -6.62 19.57 22.55
CA LYS A 171 -7.56 18.82 23.38
C LYS A 171 -8.91 18.76 22.70
N GLU A 172 -9.29 19.84 22.03
CA GLU A 172 -10.57 19.80 21.35
C GLU A 172 -10.50 18.71 20.32
N PHE A 173 -9.36 18.63 19.65
CA PHE A 173 -9.14 17.62 18.63
C PHE A 173 -9.26 16.21 19.20
N GLN A 174 -8.82 16.02 20.45
CA GLN A 174 -8.90 14.70 21.07
C GLN A 174 -10.31 14.32 21.47
N ARG A 175 -11.05 15.27 22.04
CA ARG A 175 -12.42 14.99 22.48
C ARG A 175 -13.35 14.72 21.31
N ASN A 176 -13.15 15.47 20.23
CA ASN A 176 -13.99 15.33 19.05
C ASN A 176 -13.37 14.43 18.00
N ILE A 177 -12.39 13.64 18.41
CA ILE A 177 -11.70 12.70 17.52
C ILE A 177 -12.64 11.89 16.62
N LYS A 178 -13.71 11.36 17.21
CA LYS A 178 -14.67 10.58 16.44
C LYS A 178 -15.17 11.33 15.21
N LYS A 179 -15.65 12.55 15.41
CA LYS A 179 -16.18 13.34 14.31
C LYS A 179 -15.09 13.77 13.36
N GLU A 180 -13.94 14.11 13.91
CA GLU A 180 -12.79 14.56 13.13
C GLU A 180 -12.28 13.44 12.24
N TYR A 181 -12.23 12.25 12.80
CA TYR A 181 -11.76 11.08 12.09
C TYR A 181 -12.76 10.70 10.99
N ALA A 182 -14.04 10.74 11.35
CA ALA A 182 -15.09 10.42 10.42
C ALA A 182 -14.95 11.34 9.22
N LYS A 183 -14.80 12.63 9.47
CA LYS A 183 -14.64 13.57 8.39
C LYS A 183 -13.41 13.27 7.55
N MET A 184 -12.31 12.85 8.16
CA MET A 184 -11.15 12.51 7.36
C MET A 184 -11.48 11.35 6.44
N VAL A 185 -12.03 10.30 7.04
CA VAL A 185 -12.39 9.11 6.29
C VAL A 185 -13.23 9.46 5.06
N GLN A 186 -14.12 10.44 5.20
CA GLN A 186 -14.96 10.82 4.08
C GLN A 186 -14.05 11.39 2.99
N VAL A 187 -13.20 12.32 3.36
CA VAL A 187 -12.29 12.95 2.41
C VAL A 187 -11.42 11.90 1.73
N LEU A 188 -10.91 10.96 2.52
CA LEU A 188 -10.05 9.91 1.99
C LEU A 188 -10.79 9.04 0.97
N HIS A 189 -12.04 8.70 1.27
CA HIS A 189 -12.84 7.86 0.37
C HIS A 189 -13.06 8.53 -0.96
N ALA A 190 -13.18 9.86 -0.91
CA ALA A 190 -13.38 10.62 -2.13
C ALA A 190 -12.14 10.45 -3.02
N TYR A 191 -11.00 10.87 -2.51
CA TYR A 191 -9.77 10.78 -3.27
C TYR A 191 -9.49 9.36 -3.71
N CYS A 192 -9.97 8.38 -2.95
CA CYS A 192 -9.77 6.99 -3.29
C CYS A 192 -10.57 6.63 -4.52
N ILE A 193 -11.84 7.02 -4.49
CA ILE A 193 -12.76 6.74 -5.58
C ILE A 193 -12.37 7.37 -6.92
N ILE A 194 -11.98 8.62 -6.91
CA ILE A 194 -11.66 9.32 -8.14
C ILE A 194 -10.25 9.09 -8.66
N SER A 195 -9.37 8.55 -7.82
CA SER A 195 -7.99 8.34 -8.21
C SER A 195 -7.59 7.12 -9.01
N ALA A 196 -8.44 6.70 -9.95
CA ALA A 196 -8.15 5.53 -10.79
C ALA A 196 -6.67 5.42 -11.18
N GLY A 197 -6.13 4.21 -11.15
CA GLY A 197 -4.73 4.03 -11.52
C GLY A 197 -3.75 4.31 -10.41
N ILE A 198 -4.26 4.77 -9.27
CA ILE A 198 -3.42 5.06 -8.11
C ILE A 198 -3.78 4.17 -6.91
N ARG A 199 -2.79 3.52 -6.31
CA ARG A 199 -3.01 2.65 -5.15
C ARG A 199 -2.96 3.48 -3.88
N VAL A 200 -4.10 3.61 -3.20
CA VAL A 200 -4.15 4.37 -1.96
C VAL A 200 -4.58 3.44 -0.86
N SER A 201 -3.78 3.36 0.19
CA SER A 201 -4.07 2.49 1.33
C SER A 201 -3.97 3.29 2.62
N CYS A 202 -4.67 2.83 3.65
CA CYS A 202 -4.63 3.50 4.92
C CYS A 202 -4.88 2.53 6.04
N THR A 203 -4.14 2.71 7.14
CA THR A 203 -4.32 1.87 8.31
C THR A 203 -4.29 2.80 9.51
N ASN A 204 -4.95 2.38 10.59
CA ASN A 204 -4.98 3.14 11.82
C ASN A 204 -4.63 2.16 12.89
N GLN A 205 -3.80 2.58 13.84
CA GLN A 205 -3.37 1.71 14.93
C GLN A 205 -3.67 2.40 16.25
N LEU A 206 -4.41 1.74 17.13
CA LEU A 206 -4.73 2.34 18.43
C LEU A 206 -3.76 1.80 19.46
N GLY A 207 -3.05 2.69 20.13
CA GLY A 207 -2.09 2.26 21.14
C GLY A 207 -1.13 1.26 20.53
N GLN A 208 -0.75 0.23 21.28
CA GLN A 208 0.17 -0.77 20.75
C GLN A 208 -0.62 -1.91 20.12
N GLY A 209 -1.90 -1.67 19.86
CA GLY A 209 -2.72 -2.70 19.25
C GLY A 209 -2.30 -3.00 17.82
N LYS A 210 -3.06 -3.87 17.17
CA LYS A 210 -2.78 -4.26 15.79
C LYS A 210 -3.24 -3.16 14.83
N ARG A 211 -2.60 -3.08 13.66
CA ARG A 211 -2.95 -2.09 12.65
C ARG A 211 -4.24 -2.47 11.99
N GLN A 212 -5.23 -1.60 12.11
CA GLN A 212 -6.53 -1.84 11.55
C GLN A 212 -6.61 -1.27 10.14
N PRO A 213 -7.32 -1.98 9.25
CA PRO A 213 -7.52 -1.56 7.86
C PRO A 213 -8.56 -0.45 7.83
N VAL A 214 -8.34 0.58 7.01
CA VAL A 214 -9.26 1.71 6.92
C VAL A 214 -9.85 1.81 5.53
N VAL A 215 -9.00 1.64 4.53
CA VAL A 215 -9.41 1.72 3.14
C VAL A 215 -8.23 1.35 2.24
N CYS A 216 -8.53 0.75 1.09
CA CYS A 216 -7.47 0.34 0.20
C CYS A 216 -7.96 0.17 -1.23
N THR A 217 -7.28 0.82 -2.18
CA THR A 217 -7.65 0.68 -3.60
C THR A 217 -6.58 -0.17 -4.29
N GLY A 218 -6.94 -0.82 -5.39
CA GLY A 218 -5.98 -1.66 -6.08
C GLY A 218 -5.28 -1.11 -7.31
N GLY A 219 -5.34 0.20 -7.52
CA GLY A 219 -4.70 0.77 -8.70
C GLY A 219 -5.48 0.42 -9.94
N SER A 220 -6.79 0.27 -9.78
CA SER A 220 -7.66 -0.07 -10.89
C SER A 220 -7.86 1.10 -11.86
N PRO A 221 -8.10 0.80 -13.13
CA PRO A 221 -8.29 1.87 -14.12
C PRO A 221 -9.61 2.61 -14.10
N SER A 222 -10.66 2.03 -13.51
CA SER A 222 -11.95 2.69 -13.51
C SER A 222 -12.43 3.11 -12.13
N ILE A 223 -13.35 4.07 -12.12
CA ILE A 223 -13.94 4.57 -10.89
C ILE A 223 -14.79 3.46 -10.31
N LYS A 224 -15.52 2.76 -11.18
CA LYS A 224 -16.38 1.65 -10.75
C LYS A 224 -15.61 0.66 -9.87
N GLU A 225 -14.40 0.31 -10.29
CA GLU A 225 -13.57 -0.63 -9.55
C GLU A 225 -13.12 -0.09 -8.22
N ASN A 226 -12.82 1.21 -8.18
CA ASN A 226 -12.42 1.84 -6.93
C ASN A 226 -13.58 1.77 -5.93
N ILE A 227 -14.79 2.04 -6.42
CA ILE A 227 -15.97 1.99 -5.56
C ILE A 227 -16.03 0.61 -4.95
N GLY A 228 -15.78 -0.40 -5.77
CA GLY A 228 -15.80 -1.75 -5.26
C GLY A 228 -14.76 -1.95 -4.17
N SER A 229 -13.54 -1.49 -4.41
CA SER A 229 -12.47 -1.65 -3.43
C SER A 229 -12.81 -1.01 -2.09
N VAL A 230 -13.27 0.21 -2.16
CA VAL A 230 -13.58 0.98 -0.97
C VAL A 230 -14.80 0.53 -0.19
N PHE A 231 -15.90 0.23 -0.87
CA PHE A 231 -17.12 -0.16 -0.18
C PHE A 231 -17.55 -1.61 -0.31
N GLY A 232 -16.76 -2.40 -1.03
CA GLY A 232 -17.12 -3.79 -1.19
C GLY A 232 -17.90 -3.95 -2.47
N GLN A 233 -17.87 -5.16 -3.01
CA GLN A 233 -18.55 -5.49 -4.26
C GLN A 233 -20.06 -5.54 -4.17
N LYS A 234 -20.62 -5.36 -2.98
CA LYS A 234 -22.07 -5.42 -2.82
C LYS A 234 -22.73 -4.10 -3.12
N GLN A 235 -22.03 -3.00 -2.87
CA GLN A 235 -22.55 -1.66 -3.14
C GLN A 235 -22.71 -1.41 -4.63
N LEU A 236 -21.73 -1.85 -5.43
CA LEU A 236 -21.72 -1.70 -6.89
C LEU A 236 -22.97 -2.24 -7.49
N GLN A 237 -23.37 -3.34 -6.90
CA GLN A 237 -24.51 -4.05 -7.35
C GLN A 237 -25.80 -3.34 -7.11
N SER A 238 -25.75 -2.12 -6.62
CA SER A 238 -27.03 -1.54 -6.47
C SER A 238 -26.95 -0.15 -7.08
N LEU A 239 -25.98 -0.01 -8.00
CA LEU A 239 -25.69 1.23 -8.71
C LEU A 239 -25.86 1.18 -10.24
N ILE A 240 -26.27 2.29 -10.84
CA ILE A 240 -26.37 2.37 -12.29
C ILE A 240 -25.51 3.55 -12.74
N PRO A 241 -24.89 3.43 -13.90
CA PRO A 241 -24.03 4.51 -14.39
C PRO A 241 -24.81 5.74 -14.83
N PHE A 242 -24.22 6.89 -14.60
CA PHE A 242 -24.85 8.13 -15.00
C PHE A 242 -24.86 8.21 -16.53
N VAL A 243 -25.99 8.62 -17.10
CA VAL A 243 -26.13 8.75 -18.55
C VAL A 243 -26.63 10.14 -18.90
N GLN A 244 -25.74 11.00 -19.35
CA GLN A 244 -26.09 12.37 -19.70
C GLN A 244 -27.05 12.48 -20.89
N LEU A 245 -28.05 13.33 -20.73
CA LEU A 245 -29.06 13.59 -21.79
C LEU A 245 -29.15 15.10 -21.97
N PRO A 246 -29.56 15.57 -23.16
CA PRO A 246 -29.67 17.02 -23.37
C PRO A 246 -30.77 17.52 -22.46
N PRO A 247 -30.69 18.77 -22.01
CA PRO A 247 -31.74 19.26 -21.11
C PRO A 247 -33.10 19.26 -21.82
N SER A 248 -34.09 18.61 -21.19
CA SER A 248 -35.44 18.49 -21.72
C SER A 248 -36.11 19.85 -21.87
N ASP A 249 -37.11 19.93 -22.74
CA ASP A 249 -37.80 21.20 -22.95
C ASP A 249 -38.49 21.61 -21.66
N SER A 250 -39.19 20.66 -21.03
CA SER A 250 -39.91 20.92 -19.79
C SER A 250 -39.01 21.30 -18.62
N VAL A 251 -37.88 20.60 -18.48
CA VAL A 251 -36.95 20.91 -17.39
C VAL A 251 -36.34 22.30 -17.65
N CYS A 252 -36.12 22.64 -18.91
CA CYS A 252 -35.56 23.94 -19.26
C CYS A 252 -36.58 24.99 -18.88
N GLU A 253 -37.84 24.68 -19.18
CA GLU A 253 -38.95 25.58 -18.90
C GLU A 253 -38.97 25.97 -17.42
N GLU A 254 -38.81 24.99 -16.55
CA GLU A 254 -38.86 25.27 -15.12
C GLU A 254 -37.61 25.95 -14.57
N TYR A 255 -36.58 26.08 -15.39
CA TYR A 255 -35.34 26.71 -14.94
C TYR A 255 -35.11 28.05 -15.60
N GLY A 256 -36.00 28.44 -16.49
CA GLY A 256 -35.84 29.72 -17.15
C GLY A 256 -34.75 29.66 -18.20
N LEU A 257 -34.69 28.54 -18.91
CA LEU A 257 -33.69 28.38 -19.94
C LEU A 257 -34.39 28.29 -21.29
N SER A 258 -33.70 28.76 -22.32
CA SER A 258 -34.23 28.76 -23.67
C SER A 258 -33.27 28.10 -24.65
N CYS A 259 -33.68 28.08 -25.91
CA CYS A 259 -32.92 27.50 -27.00
C CYS A 259 -31.50 28.10 -27.09
N SER A 260 -31.34 29.33 -26.63
CA SER A 260 -30.06 30.03 -26.67
C SER A 260 -29.21 29.75 -25.43
N ASP A 261 -29.89 29.44 -24.32
CA ASP A 261 -29.23 29.16 -23.06
C ASP A 261 -28.60 27.77 -23.06
N ALA A 262 -29.14 26.88 -23.88
CA ALA A 262 -28.71 25.49 -23.94
C ALA A 262 -27.65 25.06 -24.93
N LEU A 263 -26.92 25.99 -25.54
CA LEU A 263 -25.90 25.56 -26.47
C LEU A 263 -24.51 25.75 -25.89
N HIS A 264 -24.35 26.63 -24.91
CA HIS A 264 -23.03 26.78 -24.34
C HIS A 264 -22.80 25.63 -23.37
N ASN A 265 -23.71 24.67 -23.37
CA ASN A 265 -23.59 23.51 -22.50
C ASN A 265 -22.20 22.92 -22.71
N LEU A 266 -21.34 23.02 -21.69
CA LEU A 266 -19.97 22.50 -21.77
C LEU A 266 -19.78 21.45 -20.70
N PHE A 267 -20.86 21.20 -19.98
CA PHE A 267 -20.91 20.24 -18.90
C PHE A 267 -20.87 18.80 -19.27
N TYR A 268 -19.84 18.10 -18.80
CA TYR A 268 -19.71 16.68 -19.04
C TYR A 268 -19.77 15.99 -17.68
N ILE A 269 -20.84 15.25 -17.46
CA ILE A 269 -21.06 14.56 -16.20
C ILE A 269 -20.92 13.04 -16.29
N SER A 270 -20.27 12.46 -15.30
CA SER A 270 -20.08 11.01 -15.27
C SER A 270 -20.11 10.51 -13.83
N GLY A 271 -20.29 9.21 -13.64
CA GLY A 271 -20.33 8.67 -12.30
C GLY A 271 -21.35 7.58 -12.11
N PHE A 272 -21.71 7.33 -10.85
CA PHE A 272 -22.70 6.31 -10.53
C PHE A 272 -23.68 6.79 -9.47
N ILE A 273 -24.89 6.24 -9.52
CA ILE A 273 -25.92 6.58 -8.56
C ILE A 273 -26.76 5.35 -8.26
N SER A 274 -27.29 5.27 -7.04
CA SER A 274 -28.12 4.14 -6.63
C SER A 274 -29.38 4.08 -7.48
N GLN A 275 -29.88 2.87 -7.73
CA GLN A 275 -31.09 2.73 -8.52
C GLN A 275 -32.26 3.31 -7.74
N CYS A 276 -33.38 3.49 -8.44
CA CYS A 276 -34.60 4.04 -7.86
C CYS A 276 -35.43 2.93 -7.24
N THR A 277 -34.93 1.70 -7.29
CA THR A 277 -35.63 0.57 -6.74
C THR A 277 -35.84 0.70 -5.22
N HIS A 278 -37.01 0.24 -4.77
CA HIS A 278 -37.41 0.30 -3.36
C HIS A 278 -36.50 -0.53 -2.44
N GLY A 279 -35.89 0.16 -1.47
CA GLY A 279 -35.00 -0.47 -0.50
C GLY A 279 -33.52 -0.33 -0.81
N VAL A 280 -33.20 -0.36 -2.11
CA VAL A 280 -31.83 -0.27 -2.60
C VAL A 280 -31.03 0.93 -2.11
N GLY A 281 -31.72 2.03 -1.84
CA GLY A 281 -31.03 3.23 -1.37
C GLY A 281 -30.34 3.08 -0.03
N ARG A 282 -29.85 4.20 0.50
CA ARG A 282 -29.16 4.23 1.77
C ARG A 282 -30.12 4.82 2.80
N SER A 283 -29.70 4.91 4.05
CA SER A 283 -30.55 5.46 5.11
C SER A 283 -30.20 6.91 5.38
N SER A 284 -29.11 7.38 4.78
CA SER A 284 -28.67 8.76 4.94
C SER A 284 -27.79 9.15 3.77
N THR A 285 -27.24 10.35 3.83
CA THR A 285 -26.32 10.82 2.81
C THR A 285 -24.96 10.66 3.48
N ASP A 286 -24.43 9.44 3.45
CA ASP A 286 -23.14 9.18 4.08
C ASP A 286 -22.19 8.72 3.00
N ARG A 287 -22.76 8.35 1.86
CA ARG A 287 -21.98 7.90 0.70
C ARG A 287 -22.34 8.68 -0.57
N GLN A 288 -22.14 9.99 -0.49
CA GLN A 288 -22.40 10.86 -1.65
C GLN A 288 -21.15 11.71 -1.91
N PHE A 289 -20.46 11.40 -3.00
CA PHE A 289 -19.26 12.11 -3.34
C PHE A 289 -19.38 12.90 -4.62
N PHE A 290 -19.09 14.19 -4.54
CA PHE A 290 -19.16 15.05 -5.69
C PHE A 290 -17.78 15.60 -6.05
N PHE A 291 -17.53 15.78 -7.34
CA PHE A 291 -16.24 16.31 -7.78
C PHE A 291 -16.41 17.24 -8.97
N ILE A 292 -15.57 18.25 -9.03
CA ILE A 292 -15.57 19.20 -10.15
C ILE A 292 -14.16 19.03 -10.74
N ASN A 293 -14.08 18.54 -11.95
CA ASN A 293 -12.78 18.33 -12.56
C ASN A 293 -11.87 17.48 -11.68
N ARG A 294 -12.42 16.36 -11.21
CA ARG A 294 -11.71 15.38 -10.38
C ARG A 294 -11.31 15.89 -9.01
N ARG A 295 -11.90 16.99 -8.57
CA ARG A 295 -11.55 17.52 -7.27
C ARG A 295 -12.74 17.49 -6.32
N PRO A 296 -12.61 16.75 -5.20
CA PRO A 296 -13.66 16.63 -4.19
C PRO A 296 -14.12 17.94 -3.62
N CYS A 297 -15.38 18.27 -3.82
CA CYS A 297 -15.94 19.52 -3.34
C CYS A 297 -17.40 19.30 -2.97
N ASP A 298 -18.06 20.34 -2.48
CA ASP A 298 -19.46 20.20 -2.10
C ASP A 298 -20.45 21.17 -2.71
N PRO A 299 -20.78 21.01 -4.00
CA PRO A 299 -21.73 21.91 -4.67
C PRO A 299 -23.12 21.74 -4.05
N ALA A 300 -23.47 22.65 -3.15
CA ALA A 300 -24.75 22.62 -2.43
C ALA A 300 -25.98 22.42 -3.29
N LYS A 301 -26.13 23.24 -4.32
CA LYS A 301 -27.30 23.16 -5.19
C LYS A 301 -27.38 21.86 -5.96
N VAL A 302 -26.22 21.36 -6.39
CA VAL A 302 -26.16 20.11 -7.15
C VAL A 302 -26.57 18.95 -6.26
N CYS A 303 -26.08 19.00 -5.02
CA CYS A 303 -26.36 17.98 -4.04
C CYS A 303 -27.86 17.93 -3.73
N ARG A 304 -28.47 19.08 -3.47
CA ARG A 304 -29.91 19.16 -3.17
C ARG A 304 -30.72 18.56 -4.34
N LEU A 305 -30.41 19.01 -5.55
CA LEU A 305 -31.09 18.54 -6.73
C LEU A 305 -31.04 17.03 -6.87
N VAL A 306 -29.83 16.46 -6.77
CA VAL A 306 -29.65 15.01 -6.86
C VAL A 306 -30.49 14.25 -5.84
N ASN A 307 -30.33 14.59 -4.56
CA ASN A 307 -31.08 13.93 -3.48
C ASN A 307 -32.57 14.10 -3.66
N GLU A 308 -32.93 15.13 -4.39
CA GLU A 308 -34.32 15.44 -4.59
C GLU A 308 -34.97 14.68 -5.72
N VAL A 309 -34.28 14.60 -6.84
CA VAL A 309 -34.81 13.90 -7.99
C VAL A 309 -34.96 12.42 -7.60
N TYR A 310 -34.07 11.97 -6.72
CA TYR A 310 -34.09 10.59 -6.27
C TYR A 310 -35.33 10.33 -5.44
N HIS A 311 -35.62 11.28 -4.54
CA HIS A 311 -36.78 11.17 -3.66
C HIS A 311 -38.10 11.09 -4.46
N MET A 312 -38.13 11.70 -5.65
CA MET A 312 -39.32 11.66 -6.48
C MET A 312 -39.62 10.19 -6.87
N TYR A 313 -38.67 9.30 -6.61
CA TYR A 313 -38.84 7.88 -6.94
C TYR A 313 -38.76 7.01 -5.68
N ASN A 314 -37.83 7.36 -4.80
CA ASN A 314 -37.65 6.65 -3.54
C ASN A 314 -37.80 7.74 -2.49
N ARG A 315 -38.91 7.71 -1.76
CA ARG A 315 -39.19 8.73 -0.74
C ARG A 315 -38.46 8.58 0.59
N HIS A 316 -38.19 7.35 1.01
CA HIS A 316 -37.50 7.16 2.29
C HIS A 316 -36.07 6.67 2.19
N GLN A 317 -35.31 7.18 1.23
CA GLN A 317 -33.93 6.76 1.11
C GLN A 317 -33.10 7.79 0.36
N TYR A 318 -31.82 7.80 0.67
CA TYR A 318 -30.90 8.71 0.01
C TYR A 318 -30.07 7.83 -0.89
N PRO A 319 -29.68 8.33 -2.05
CA PRO A 319 -28.89 7.50 -2.95
C PRO A 319 -27.39 7.56 -2.69
N PHE A 320 -26.70 6.53 -3.16
CA PHE A 320 -25.24 6.45 -3.09
C PHE A 320 -24.87 7.37 -4.23
N VAL A 321 -23.91 8.26 -4.05
CA VAL A 321 -23.60 9.09 -5.20
C VAL A 321 -22.13 9.32 -5.46
N VAL A 322 -21.76 9.19 -6.71
CA VAL A 322 -20.40 9.45 -7.12
C VAL A 322 -20.59 10.18 -8.43
N LEU A 323 -20.38 11.50 -8.39
CA LEU A 323 -20.58 12.30 -9.58
C LEU A 323 -19.46 13.30 -9.82
N ASN A 324 -18.90 13.27 -11.02
CA ASN A 324 -17.84 14.19 -11.39
C ASN A 324 -18.40 15.13 -12.43
N ILE A 325 -18.18 16.43 -12.22
CA ILE A 325 -18.65 17.46 -13.14
C ILE A 325 -17.45 18.01 -13.89
N SER A 326 -17.30 17.61 -15.15
CA SER A 326 -16.17 18.08 -15.94
C SER A 326 -16.52 19.45 -16.54
N VAL A 327 -15.66 20.43 -16.31
CA VAL A 327 -15.91 21.79 -16.79
C VAL A 327 -14.64 22.55 -17.18
N ASP A 328 -14.80 23.63 -17.94
CA ASP A 328 -13.67 24.48 -18.32
C ASP A 328 -13.38 25.15 -16.98
N SER A 329 -12.13 25.10 -16.53
CA SER A 329 -11.75 25.66 -15.23
C SER A 329 -11.96 27.17 -15.09
N GLU A 330 -12.23 27.83 -16.20
CA GLU A 330 -12.44 29.28 -16.18
C GLU A 330 -13.88 29.65 -15.82
N CYS A 331 -14.72 28.64 -15.60
CA CYS A 331 -16.11 28.86 -15.25
C CYS A 331 -16.38 28.49 -13.81
N VAL A 332 -15.29 28.30 -13.06
CA VAL A 332 -15.37 27.98 -11.65
C VAL A 332 -14.71 29.13 -10.90
N ASP A 333 -15.42 29.61 -9.89
CA ASP A 333 -14.99 30.72 -9.04
C ASP A 333 -14.91 30.18 -7.63
N ILE A 334 -14.42 30.99 -6.71
CA ILE A 334 -14.45 30.59 -5.32
C ILE A 334 -14.97 31.85 -4.64
N ASN A 335 -15.63 31.69 -3.50
CA ASN A 335 -16.15 32.84 -2.79
C ASN A 335 -16.35 32.53 -1.31
N GLN A 342 -18.06 28.72 -0.77
CA GLN A 342 -18.99 28.58 -1.88
C GLN A 342 -18.30 28.47 -3.24
N ILE A 343 -19.01 27.82 -4.16
CA ILE A 343 -18.54 27.58 -5.51
C ILE A 343 -19.54 28.16 -6.50
N LEU A 344 -19.02 28.89 -7.46
CA LEU A 344 -19.87 29.48 -8.47
C LEU A 344 -19.51 28.81 -9.78
N LEU A 345 -20.51 28.23 -10.41
CA LEU A 345 -20.35 27.58 -11.69
C LEU A 345 -21.16 28.50 -12.60
N GLN A 346 -20.50 29.07 -13.60
CA GLN A 346 -21.16 30.02 -14.47
C GLN A 346 -22.50 29.69 -15.06
N GLU A 347 -22.79 28.43 -15.22
CA GLU A 347 -24.08 28.10 -15.74
C GLU A 347 -24.51 26.94 -14.89
N GLU A 348 -25.17 27.30 -13.80
CA GLU A 348 -25.64 26.33 -12.84
C GLU A 348 -26.99 25.81 -13.28
N LYS A 349 -27.80 26.72 -13.78
CA LYS A 349 -29.13 26.40 -14.22
C LYS A 349 -29.07 25.32 -15.31
N LEU A 350 -28.13 25.50 -16.25
CA LEU A 350 -27.98 24.54 -17.33
C LEU A 350 -27.56 23.18 -16.80
N LEU A 351 -26.62 23.19 -15.87
CA LEU A 351 -26.12 21.97 -15.26
C LEU A 351 -27.24 21.29 -14.48
N LEU A 352 -27.93 22.08 -13.66
CA LEU A 352 -29.02 21.55 -12.88
C LEU A 352 -30.03 20.93 -13.84
N ALA A 353 -30.31 21.66 -14.92
CA ALA A 353 -31.25 21.20 -15.92
C ALA A 353 -30.79 19.87 -16.51
N VAL A 354 -29.51 19.79 -16.86
CA VAL A 354 -28.91 18.58 -17.43
C VAL A 354 -28.96 17.44 -16.43
N LEU A 355 -28.66 17.76 -15.17
CA LEU A 355 -28.67 16.75 -14.12
C LEU A 355 -30.05 16.15 -13.96
N LYS A 356 -31.04 17.00 -13.71
CA LYS A 356 -32.41 16.54 -13.51
C LYS A 356 -32.93 15.74 -14.68
N THR A 357 -32.77 16.29 -15.88
CA THR A 357 -33.24 15.60 -17.07
C THR A 357 -32.64 14.21 -17.11
N SER A 358 -31.32 14.16 -16.97
CA SER A 358 -30.59 12.90 -17.02
C SER A 358 -31.03 11.91 -15.95
N LEU A 359 -31.18 12.38 -14.72
CA LEU A 359 -31.60 11.50 -13.64
C LEU A 359 -33.01 11.00 -13.90
N ILE A 360 -33.87 11.88 -14.39
CA ILE A 360 -35.24 11.49 -14.67
C ILE A 360 -35.28 10.37 -15.71
N GLY A 361 -34.43 10.51 -16.73
CA GLY A 361 -34.39 9.52 -17.79
C GLY A 361 -33.84 8.18 -17.36
N MET A 362 -32.97 8.19 -16.36
CA MET A 362 -32.39 6.95 -15.90
C MET A 362 -33.36 6.21 -14.99
N PHE A 363 -33.99 6.96 -14.09
CA PHE A 363 -34.92 6.40 -13.12
C PHE A 363 -36.25 5.90 -13.65
N ASP A 364 -36.67 6.38 -14.81
CA ASP A 364 -37.93 5.92 -15.39
C ASP A 364 -37.77 4.58 -16.09
N SER A 365 -37.13 3.68 -15.51
N VAL B 32 5.44 -25.37 -9.76
CA VAL B 32 4.63 -24.45 -8.91
C VAL B 32 3.75 -25.30 -8.00
N LEU B 33 4.09 -25.22 -6.73
CA LEU B 33 3.53 -26.01 -5.65
C LEU B 33 2.58 -25.36 -4.71
N SER B 34 2.79 -24.09 -4.47
CA SER B 34 1.96 -23.47 -3.49
C SER B 34 1.85 -21.99 -3.68
N LEU B 35 0.81 -21.48 -3.06
CA LEU B 35 0.54 -20.08 -3.08
C LEU B 35 1.87 -19.45 -2.67
N SER B 36 2.51 -20.00 -1.64
CA SER B 36 3.77 -19.45 -1.16
C SER B 36 4.93 -19.46 -2.15
N THR B 37 5.19 -20.59 -2.80
CA THR B 37 6.32 -20.61 -3.75
C THR B 37 6.04 -19.74 -4.96
N ALA B 38 4.78 -19.72 -5.40
CA ALA B 38 4.34 -18.90 -6.54
C ALA B 38 4.60 -17.43 -6.24
N VAL B 39 4.26 -17.00 -5.02
CA VAL B 39 4.48 -15.63 -4.61
C VAL B 39 5.98 -15.40 -4.56
N LYS B 40 6.69 -16.36 -3.95
CA LYS B 40 8.14 -16.27 -3.85
C LYS B 40 8.77 -16.01 -5.21
N GLU B 41 8.34 -16.79 -6.20
CA GLU B 41 8.88 -16.65 -7.54
C GLU B 41 8.61 -15.26 -8.13
N LEU B 42 7.35 -14.82 -8.05
CA LEU B 42 6.99 -13.52 -8.57
C LEU B 42 7.76 -12.38 -7.88
N VAL B 43 7.84 -12.44 -6.54
CA VAL B 43 8.55 -11.40 -5.80
C VAL B 43 10.00 -11.35 -6.24
N GLU B 44 10.62 -12.52 -6.33
CA GLU B 44 12.01 -12.58 -6.72
C GLU B 44 12.18 -12.02 -8.13
N ASN B 45 11.22 -12.30 -9.00
CA ASN B 45 11.25 -11.82 -10.38
C ASN B 45 11.38 -10.31 -10.39
N SER B 46 10.44 -9.68 -9.69
CA SER B 46 10.35 -8.23 -9.55
C SER B 46 11.63 -7.66 -8.98
N LEU B 47 12.15 -8.33 -7.95
CA LEU B 47 13.38 -7.90 -7.30
C LEU B 47 14.56 -7.97 -8.29
N ASP B 48 14.55 -8.98 -9.15
CA ASP B 48 15.60 -9.13 -10.15
C ASP B 48 15.49 -8.02 -11.20
N ALA B 49 14.27 -7.50 -11.36
CA ALA B 49 14.00 -6.44 -12.31
C ALA B 49 14.41 -5.09 -11.75
N GLY B 50 14.93 -5.09 -10.53
CA GLY B 50 15.38 -3.84 -9.93
C GLY B 50 14.28 -3.00 -9.34
N ALA B 51 13.17 -3.64 -8.98
CA ALA B 51 12.03 -2.94 -8.39
C ALA B 51 12.32 -2.40 -6.99
N THR B 52 11.81 -1.21 -6.70
CA THR B 52 11.98 -0.57 -5.39
C THR B 52 10.56 -0.42 -4.80
N ASN B 53 9.60 -0.89 -5.58
CA ASN B 53 8.19 -0.84 -5.23
C ASN B 53 7.55 -2.18 -5.64
N ILE B 54 7.12 -3.00 -4.67
CA ILE B 54 6.48 -4.29 -4.98
C ILE B 54 5.17 -4.50 -4.25
N ASP B 55 4.06 -4.58 -5.01
CA ASP B 55 2.71 -4.75 -4.44
C ASP B 55 2.09 -6.11 -4.74
N LEU B 56 1.74 -6.85 -3.69
CA LEU B 56 1.13 -8.16 -3.84
C LEU B 56 -0.37 -8.06 -3.58
N LYS B 57 -1.17 -8.08 -4.64
CA LYS B 57 -2.62 -7.99 -4.51
C LYS B 57 -3.26 -9.39 -4.52
N LEU B 58 -4.08 -9.65 -3.50
CA LEU B 58 -4.77 -10.94 -3.36
C LEU B 58 -6.30 -10.84 -3.34
N LYS B 59 -6.94 -11.90 -3.82
CA LYS B 59 -8.40 -12.02 -3.83
C LYS B 59 -8.69 -13.41 -3.32
N ASP B 60 -9.27 -13.47 -2.13
CA ASP B 60 -9.61 -14.71 -1.47
C ASP B 60 -8.36 -15.44 -1.09
N TYR B 61 -7.43 -14.71 -0.50
CA TYR B 61 -6.17 -15.25 -0.05
C TYR B 61 -5.36 -15.84 -1.18
N GLY B 62 -5.65 -15.42 -2.41
CA GLY B 62 -4.91 -15.91 -3.56
C GLY B 62 -5.59 -17.02 -4.34
N VAL B 63 -6.67 -17.55 -3.80
CA VAL B 63 -7.39 -18.61 -4.49
C VAL B 63 -8.01 -18.11 -5.78
N ASP B 64 -8.34 -16.83 -5.82
CA ASP B 64 -8.95 -16.27 -7.01
C ASP B 64 -7.96 -15.41 -7.78
N LEU B 65 -7.09 -14.71 -7.05
CA LEU B 65 -6.10 -13.83 -7.66
C LEU B 65 -4.80 -13.67 -6.88
N ILE B 66 -3.69 -13.74 -7.60
CA ILE B 66 -2.36 -13.53 -7.02
C ILE B 66 -1.74 -12.54 -8.02
N GLU B 67 -1.62 -11.29 -7.61
CA GLU B 67 -1.08 -10.29 -8.52
C GLU B 67 0.06 -9.49 -7.93
N VAL B 68 1.21 -9.56 -8.59
CA VAL B 68 2.38 -8.83 -8.13
C VAL B 68 2.67 -7.69 -9.11
N SER B 69 2.64 -6.46 -8.61
CA SER B 69 2.88 -5.27 -9.41
C SER B 69 4.18 -4.60 -8.96
N ASP B 70 5.09 -4.31 -9.88
CA ASP B 70 6.35 -3.68 -9.49
C ASP B 70 6.70 -2.51 -10.41
N ASN B 71 7.75 -1.77 -10.06
CA ASN B 71 8.21 -0.63 -10.85
C ASN B 71 9.59 -0.84 -11.45
N GLY B 72 10.02 -2.10 -11.53
CA GLY B 72 11.32 -2.42 -12.08
C GLY B 72 11.53 -2.05 -13.55
N CYS B 73 12.53 -2.68 -14.17
CA CYS B 73 12.87 -2.39 -15.56
C CYS B 73 11.80 -2.71 -16.58
N GLY B 74 10.86 -3.57 -16.21
CA GLY B 74 9.80 -3.93 -17.14
C GLY B 74 10.33 -4.81 -18.25
N VAL B 75 9.43 -5.19 -19.17
CA VAL B 75 9.80 -6.05 -20.28
C VAL B 75 9.80 -5.35 -21.63
N GLU B 76 10.84 -5.61 -22.41
CA GLU B 76 11.00 -5.05 -23.73
C GLU B 76 10.31 -5.95 -24.77
N GLU B 77 9.61 -5.34 -25.71
CA GLU B 77 8.87 -6.06 -26.75
C GLU B 77 9.53 -7.32 -27.32
N GLU B 78 10.77 -7.20 -27.81
CA GLU B 78 11.48 -8.34 -28.40
C GLU B 78 11.36 -9.61 -27.56
N ASN B 79 11.49 -9.44 -26.25
CA ASN B 79 11.44 -10.58 -25.34
C ASN B 79 10.04 -10.90 -24.82
N PHE B 80 9.01 -10.34 -25.42
CA PHE B 80 7.66 -10.61 -24.97
C PHE B 80 7.33 -12.11 -24.95
N GLU B 81 7.86 -12.80 -25.95
CA GLU B 81 7.63 -14.23 -26.11
C GLU B 81 8.53 -15.08 -25.23
N GLY B 82 9.67 -14.51 -24.84
CA GLY B 82 10.60 -15.22 -24.00
C GLY B 82 10.03 -15.33 -22.61
N LEU B 83 9.16 -14.37 -22.27
CA LEU B 83 8.52 -14.31 -20.97
C LEU B 83 8.04 -15.67 -20.49
N THR B 84 7.07 -16.23 -21.19
CA THR B 84 6.52 -17.52 -20.84
C THR B 84 7.19 -18.65 -21.59
N LEU B 85 8.32 -18.39 -22.24
CA LEU B 85 8.98 -19.50 -22.88
C LEU B 85 10.44 -19.54 -22.49
N GLU B 109 11.17 -23.71 -15.90
CA GLU B 109 10.91 -22.28 -15.76
C GLU B 109 9.50 -21.85 -15.33
N ALA B 110 9.52 -20.95 -14.35
CA ALA B 110 8.39 -20.34 -13.66
C ALA B 110 7.17 -19.88 -14.42
N LEU B 111 7.25 -18.69 -15.02
CA LEU B 111 6.13 -18.14 -15.76
C LEU B 111 5.43 -19.15 -16.68
N SER B 112 6.17 -20.07 -17.29
CA SER B 112 5.53 -21.03 -18.17
C SER B 112 4.80 -22.05 -17.30
N SER B 113 5.32 -22.30 -16.11
CA SER B 113 4.68 -23.25 -15.21
C SER B 113 3.35 -22.67 -14.74
N LEU B 114 3.32 -21.36 -14.54
CA LEU B 114 2.11 -20.69 -14.10
C LEU B 114 1.06 -20.67 -15.21
N CYS B 115 1.45 -20.30 -16.42
CA CYS B 115 0.50 -20.28 -17.52
C CYS B 115 -0.18 -21.64 -17.67
N ALA B 116 0.56 -22.70 -17.36
CA ALA B 116 0.01 -24.04 -17.46
C ALA B 116 -1.03 -24.30 -16.38
N LEU B 117 -0.84 -23.66 -15.22
CA LEU B 117 -1.73 -23.85 -14.08
C LEU B 117 -2.79 -22.78 -13.85
N SER B 118 -2.82 -21.76 -14.70
CA SER B 118 -3.81 -20.69 -14.50
C SER B 118 -3.82 -19.71 -15.64
N ASP B 119 -4.79 -18.80 -15.61
CA ASP B 119 -4.90 -17.77 -16.62
C ASP B 119 -3.99 -16.62 -16.19
N VAL B 120 -2.96 -16.35 -16.99
CA VAL B 120 -1.99 -15.29 -16.69
C VAL B 120 -2.11 -14.06 -17.59
N THR B 121 -2.18 -12.89 -16.95
CA THR B 121 -2.25 -11.63 -17.68
C THR B 121 -1.04 -10.80 -17.26
N ILE B 122 -0.32 -10.26 -18.22
CA ILE B 122 0.84 -9.45 -17.87
C ILE B 122 0.77 -8.09 -18.54
N SER B 123 1.06 -7.04 -17.77
CA SER B 123 1.10 -5.70 -18.32
C SER B 123 2.53 -5.23 -18.07
N THR B 124 3.13 -4.55 -19.02
CA THR B 124 4.49 -4.12 -18.78
C THR B 124 4.82 -2.89 -19.60
N CYS B 125 5.86 -2.18 -19.16
CA CYS B 125 6.30 -0.98 -19.84
C CYS B 125 7.77 -0.78 -19.50
N HIS B 126 8.63 -0.77 -20.50
CA HIS B 126 10.07 -0.56 -20.30
C HIS B 126 10.33 0.91 -20.06
N ALA B 127 11.58 1.29 -19.78
CA ALA B 127 11.88 2.70 -19.66
C ALA B 127 11.87 3.25 -21.13
N SER B 128 12.53 2.54 -22.05
CA SER B 128 12.65 2.97 -23.48
C SER B 128 11.33 3.13 -24.22
N ALA B 129 10.29 2.51 -23.68
CA ALA B 129 8.99 2.54 -24.31
C ALA B 129 8.02 3.65 -23.88
N LYS B 130 7.28 4.14 -24.87
CA LYS B 130 6.30 5.21 -24.74
C LYS B 130 4.97 4.74 -24.18
N VAL B 131 4.57 3.53 -24.58
CA VAL B 131 3.32 2.98 -24.07
C VAL B 131 3.49 1.51 -23.66
N GLY B 132 2.89 1.19 -22.53
CA GLY B 132 2.95 -0.17 -22.01
C GLY B 132 2.16 -1.12 -22.88
N THR B 133 2.30 -2.41 -22.61
CA THR B 133 1.60 -3.44 -23.36
C THR B 133 0.91 -4.36 -22.38
N ARG B 134 -0.17 -4.99 -22.85
CA ARG B 134 -0.93 -5.95 -22.03
C ARG B 134 -0.97 -7.26 -22.81
N LEU B 135 -0.57 -8.35 -22.13
CA LEU B 135 -0.53 -9.66 -22.76
C LEU B 135 -1.39 -10.67 -22.03
N MET B 136 -2.19 -11.42 -22.79
CA MET B 136 -3.03 -12.48 -22.24
C MET B 136 -2.42 -13.79 -22.76
N PHE B 137 -2.15 -14.75 -21.87
CA PHE B 137 -1.56 -16.03 -22.26
C PHE B 137 -2.47 -17.25 -22.12
N ASP B 138 -2.35 -18.20 -23.04
CA ASP B 138 -3.14 -19.43 -22.97
C ASP B 138 -2.30 -20.35 -22.07
N HIS B 139 -2.78 -21.55 -21.78
CA HIS B 139 -2.04 -22.41 -20.88
C HIS B 139 -0.71 -22.97 -21.38
N ASN B 140 -0.41 -22.75 -22.65
CA ASN B 140 0.85 -23.22 -23.22
C ASN B 140 1.91 -22.13 -23.13
N GLY B 141 1.48 -20.95 -22.69
CA GLY B 141 2.39 -19.83 -22.58
C GLY B 141 2.36 -19.02 -23.85
N LYS B 142 1.37 -19.29 -24.68
CA LYS B 142 1.25 -18.59 -25.94
C LYS B 142 0.39 -17.34 -25.83
N ILE B 143 0.86 -16.29 -26.49
CA ILE B 143 0.23 -14.97 -26.52
C ILE B 143 -1.11 -14.89 -27.23
N ILE B 144 -2.19 -14.94 -26.47
CA ILE B 144 -3.54 -14.87 -27.01
C ILE B 144 -3.89 -13.48 -27.52
N GLN B 145 -3.56 -12.47 -26.73
CA GLN B 145 -3.87 -11.08 -27.04
C GLN B 145 -2.72 -10.16 -26.62
N LYS B 146 -2.47 -9.13 -27.43
CA LYS B 146 -1.41 -8.17 -27.16
C LYS B 146 -1.89 -6.79 -27.61
N THR B 147 -2.09 -5.90 -26.65
CA THR B 147 -2.55 -4.55 -26.96
C THR B 147 -1.71 -3.51 -26.22
N PRO B 148 -1.75 -2.27 -26.69
CA PRO B 148 -0.98 -1.21 -26.02
C PRO B 148 -1.72 -0.98 -24.72
N TYR B 149 -1.02 -0.53 -23.68
CA TYR B 149 -1.66 -0.30 -22.39
C TYR B 149 -0.97 0.85 -21.65
N PRO B 150 -1.77 1.78 -21.11
CA PRO B 150 -1.22 2.91 -20.36
C PRO B 150 -0.86 2.51 -18.93
N ARG B 151 0.43 2.52 -18.63
CA ARG B 151 0.92 2.16 -17.30
C ARG B 151 2.35 2.68 -17.15
N PRO B 152 2.75 2.97 -15.90
CA PRO B 152 4.11 3.46 -15.64
C PRO B 152 5.14 2.35 -15.83
N ARG B 153 6.42 2.70 -15.90
CA ARG B 153 7.48 1.72 -16.09
C ARG B 153 7.31 0.60 -15.05
N GLY B 154 7.58 -0.63 -15.45
CA GLY B 154 7.43 -1.74 -14.53
C GLY B 154 6.62 -2.90 -15.10
N THR B 155 6.28 -3.86 -14.24
CA THR B 155 5.53 -5.03 -14.69
C THR B 155 4.48 -5.48 -13.69
N THR B 156 3.38 -6.00 -14.21
CA THR B 156 2.31 -6.50 -13.35
C THR B 156 1.94 -7.90 -13.81
N VAL B 157 2.11 -8.88 -12.92
CA VAL B 157 1.79 -10.25 -13.28
C VAL B 157 0.55 -10.71 -12.51
N SER B 158 -0.53 -11.02 -13.22
CA SER B 158 -1.77 -11.46 -12.58
C SER B 158 -2.02 -12.95 -12.78
N VAL B 159 -1.95 -13.71 -11.70
CA VAL B 159 -2.18 -15.15 -11.80
C VAL B 159 -3.60 -15.41 -11.32
N GLN B 160 -4.49 -15.64 -12.27
CA GLN B 160 -5.89 -15.86 -11.96
C GLN B 160 -6.28 -17.33 -11.80
N GLN B 161 -6.93 -17.61 -10.67
CA GLN B 161 -7.41 -18.95 -10.33
C GLN B 161 -6.34 -20.02 -10.39
N LEU B 162 -5.25 -19.81 -9.67
CA LEU B 162 -4.14 -20.77 -9.64
C LEU B 162 -4.63 -22.20 -9.43
N PHE B 163 -3.95 -23.14 -10.09
CA PHE B 163 -4.26 -24.58 -10.03
C PHE B 163 -5.66 -24.89 -10.54
N SER B 164 -6.19 -24.09 -11.45
CA SER B 164 -7.55 -24.34 -11.95
C SER B 164 -7.58 -25.40 -13.02
N THR B 165 -6.43 -25.62 -13.65
CA THR B 165 -6.29 -26.60 -14.71
C THR B 165 -6.10 -27.99 -14.12
N LEU B 166 -5.85 -28.04 -12.82
CA LEU B 166 -5.69 -29.31 -12.12
C LEU B 166 -6.67 -29.27 -10.96
N PRO B 167 -7.93 -29.62 -11.24
CA PRO B 167 -9.02 -29.62 -10.25
C PRO B 167 -8.71 -30.23 -8.91
N VAL B 168 -7.79 -31.18 -8.86
CA VAL B 168 -7.49 -31.79 -7.58
C VAL B 168 -6.63 -30.85 -6.75
N ARG B 169 -5.64 -30.24 -7.40
CA ARG B 169 -4.76 -29.32 -6.71
C ARG B 169 -5.55 -28.05 -6.32
N HIS B 170 -6.51 -27.66 -7.15
CA HIS B 170 -7.31 -26.46 -6.89
C HIS B 170 -8.16 -26.64 -5.66
N LYS B 171 -8.73 -27.83 -5.51
CA LYS B 171 -9.57 -28.11 -4.36
C LYS B 171 -8.74 -28.26 -3.09
N GLU B 172 -7.57 -28.86 -3.20
CA GLU B 172 -6.71 -29.01 -2.04
C GLU B 172 -6.36 -27.58 -1.58
N PHE B 173 -6.04 -26.71 -2.54
CA PHE B 173 -5.69 -25.32 -2.27
C PHE B 173 -6.77 -24.67 -1.42
N GLN B 174 -8.01 -24.69 -1.90
CA GLN B 174 -9.15 -24.12 -1.18
C GLN B 174 -9.30 -24.74 0.21
N ARG B 175 -9.33 -26.06 0.25
CA ARG B 175 -9.47 -26.80 1.50
C ARG B 175 -8.42 -26.42 2.53
N ASN B 176 -7.17 -26.30 2.10
CA ASN B 176 -6.10 -25.97 3.03
C ASN B 176 -5.62 -24.51 2.94
N ILE B 177 -6.51 -23.61 2.54
CA ILE B 177 -6.14 -22.22 2.38
C ILE B 177 -5.57 -21.58 3.67
N LYS B 178 -6.09 -21.97 4.83
CA LYS B 178 -5.63 -21.39 6.08
C LYS B 178 -4.19 -21.68 6.42
N LYS B 179 -3.65 -22.80 5.97
CA LYS B 179 -2.26 -23.07 6.28
C LYS B 179 -1.41 -22.83 5.05
N GLU B 180 -2.05 -22.63 3.90
CA GLU B 180 -1.34 -22.34 2.67
C GLU B 180 -1.03 -20.85 2.69
N TYR B 181 -1.97 -20.08 3.23
CA TYR B 181 -1.86 -18.62 3.35
C TYR B 181 -0.86 -18.29 4.46
N ALA B 182 -0.89 -19.07 5.54
CA ALA B 182 0.01 -18.84 6.66
C ALA B 182 1.41 -19.02 6.15
N LYS B 183 1.57 -19.99 5.25
CA LYS B 183 2.87 -20.24 4.70
C LYS B 183 3.25 -19.10 3.77
N MET B 184 2.29 -18.51 3.06
CA MET B 184 2.61 -17.39 2.17
C MET B 184 3.02 -16.18 3.01
N VAL B 185 2.36 -16.00 4.14
CA VAL B 185 2.68 -14.89 5.01
C VAL B 185 4.10 -14.97 5.56
N GLN B 186 4.63 -16.18 5.72
CA GLN B 186 5.99 -16.29 6.26
C GLN B 186 6.95 -15.77 5.21
N VAL B 187 6.66 -16.13 3.96
CA VAL B 187 7.47 -15.73 2.82
C VAL B 187 7.40 -14.22 2.63
N LEU B 188 6.18 -13.70 2.67
CA LEU B 188 5.98 -12.28 2.51
C LEU B 188 6.73 -11.52 3.60
N HIS B 189 6.45 -11.87 4.86
CA HIS B 189 7.11 -11.18 5.95
C HIS B 189 8.62 -11.26 5.84
N ALA B 190 9.09 -12.41 5.38
CA ALA B 190 10.53 -12.62 5.22
C ALA B 190 11.08 -11.56 4.28
N TYR B 191 10.47 -11.43 3.11
CA TYR B 191 10.92 -10.44 2.16
C TYR B 191 10.78 -9.01 2.62
N CYS B 192 9.70 -8.72 3.35
CA CYS B 192 9.49 -7.36 3.86
C CYS B 192 10.62 -6.94 4.76
N ILE B 193 11.02 -7.88 5.61
CA ILE B 193 12.07 -7.68 6.59
C ILE B 193 13.44 -7.44 5.98
N ILE B 194 13.84 -8.36 5.11
CA ILE B 194 15.15 -8.32 4.47
C ILE B 194 15.32 -7.32 3.35
N SER B 195 14.26 -7.04 2.62
CA SER B 195 14.35 -6.11 1.50
C SER B 195 14.39 -4.65 1.93
N ALA B 196 15.59 -4.15 2.17
CA ALA B 196 15.76 -2.78 2.58
C ALA B 196 15.76 -1.85 1.37
N GLY B 197 15.22 -0.65 1.56
CA GLY B 197 15.17 0.31 0.46
C GLY B 197 14.12 -0.06 -0.56
N ILE B 198 13.34 -1.09 -0.24
CA ILE B 198 12.28 -1.55 -1.13
C ILE B 198 10.93 -1.55 -0.45
N ARG B 199 9.97 -0.84 -1.02
CA ARG B 199 8.62 -0.78 -0.45
C ARG B 199 7.85 -2.02 -0.85
N VAL B 200 7.62 -2.91 0.10
CA VAL B 200 6.90 -4.15 -0.17
C VAL B 200 5.54 -4.09 0.53
N SER B 201 4.48 -4.45 -0.17
CA SER B 201 3.14 -4.42 0.41
C SER B 201 2.25 -5.53 -0.12
N CYS B 202 1.18 -5.78 0.62
CA CYS B 202 0.21 -6.80 0.28
C CYS B 202 -1.19 -6.39 0.78
N THR B 203 -2.21 -6.70 -0.02
CA THR B 203 -3.58 -6.40 0.34
C THR B 203 -4.40 -7.62 -0.05
N ASN B 204 -5.55 -7.80 0.60
CA ASN B 204 -6.38 -8.95 0.31
C ASN B 204 -7.84 -8.51 0.25
N GLN B 205 -8.65 -9.25 -0.49
CA GLN B 205 -10.06 -8.96 -0.62
C GLN B 205 -10.78 -10.30 -0.61
N LEU B 206 -11.66 -10.49 0.35
CA LEU B 206 -12.43 -11.73 0.50
C LEU B 206 -13.84 -11.61 -0.06
N GLY B 207 -14.21 -12.53 -0.95
CA GLY B 207 -15.54 -12.54 -1.51
C GLY B 207 -16.07 -11.24 -2.06
N GLN B 208 -17.04 -10.64 -1.37
CA GLN B 208 -17.66 -9.38 -1.80
C GLN B 208 -17.27 -8.19 -0.94
N GLY B 209 -16.13 -8.28 -0.27
CA GLY B 209 -15.77 -7.20 0.62
C GLY B 209 -14.87 -6.09 0.15
N LYS B 210 -14.67 -5.14 1.06
CA LYS B 210 -13.79 -4.02 0.79
C LYS B 210 -12.38 -4.61 0.90
N ARG B 211 -11.51 -4.20 0.00
CA ARG B 211 -10.12 -4.67 0.00
C ARG B 211 -9.42 -4.16 1.26
N GLN B 212 -8.63 -5.02 1.88
CA GLN B 212 -7.97 -4.63 3.11
C GLN B 212 -6.44 -4.71 3.07
N PRO B 213 -5.78 -3.72 3.69
CA PRO B 213 -4.31 -3.75 3.71
C PRO B 213 -3.91 -4.93 4.60
N VAL B 214 -2.77 -5.54 4.28
CA VAL B 214 -2.24 -6.68 5.04
C VAL B 214 -0.99 -6.23 5.78
N VAL B 215 -0.02 -5.77 4.98
CA VAL B 215 1.28 -5.29 5.46
C VAL B 215 1.82 -4.26 4.45
N CYS B 216 2.73 -3.40 4.90
CA CYS B 216 3.32 -2.36 4.05
C CYS B 216 4.63 -1.91 4.68
N THR B 217 5.72 -1.86 3.91
CA THR B 217 6.98 -1.40 4.48
C THR B 217 7.19 -0.04 3.86
N GLY B 218 8.07 0.78 4.40
CA GLY B 218 8.24 2.11 3.86
C GLY B 218 9.45 2.35 2.97
N GLY B 219 10.13 1.27 2.62
CA GLY B 219 11.30 1.39 1.79
C GLY B 219 12.44 1.90 2.64
N SER B 220 12.42 1.56 3.92
CA SER B 220 13.49 2.02 4.79
C SER B 220 14.77 1.21 4.63
N PRO B 221 15.91 1.84 4.90
CA PRO B 221 17.17 1.11 4.76
C PRO B 221 17.54 0.25 5.94
N SER B 222 16.76 0.23 7.00
CA SER B 222 17.16 -0.62 8.10
C SER B 222 16.16 -1.71 8.37
N ILE B 223 16.69 -2.86 8.78
CA ILE B 223 15.91 -4.04 9.11
C ILE B 223 15.08 -3.77 10.36
N LYS B 224 15.62 -2.94 11.25
CA LYS B 224 14.88 -2.66 12.45
C LYS B 224 13.60 -1.98 12.00
N GLU B 225 13.73 -0.97 11.16
CA GLU B 225 12.56 -0.26 10.68
C GLU B 225 11.59 -1.19 9.94
N ASN B 226 12.10 -2.10 9.11
CA ASN B 226 11.18 -2.98 8.42
C ASN B 226 10.47 -3.90 9.40
N ILE B 227 11.20 -4.41 10.39
CA ILE B 227 10.60 -5.30 11.39
C ILE B 227 9.47 -4.55 12.06
N GLY B 228 9.71 -3.27 12.30
CA GLY B 228 8.71 -2.42 12.92
C GLY B 228 7.51 -2.23 12.02
N SER B 229 7.74 -1.99 10.73
CA SER B 229 6.63 -1.80 9.81
C SER B 229 5.76 -3.05 9.77
N VAL B 230 6.39 -4.21 9.86
CA VAL B 230 5.66 -5.46 9.83
C VAL B 230 4.93 -5.87 11.11
N PHE B 231 5.58 -5.75 12.26
CA PHE B 231 4.98 -6.17 13.52
C PHE B 231 4.78 -5.08 14.56
N GLY B 232 4.91 -3.81 14.18
CA GLY B 232 4.72 -2.74 15.15
C GLY B 232 5.92 -2.51 16.05
N GLN B 233 6.13 -1.26 16.45
CA GLN B 233 7.27 -0.91 17.29
C GLN B 233 7.33 -1.56 18.66
N LYS B 234 6.26 -2.23 19.07
CA LYS B 234 6.27 -2.87 20.38
C LYS B 234 7.12 -4.12 20.38
N GLN B 235 7.19 -4.75 19.21
CA GLN B 235 7.95 -5.98 19.04
C GLN B 235 9.44 -5.63 19.03
N LEU B 236 9.75 -4.42 18.59
CA LEU B 236 11.15 -4.02 18.56
C LEU B 236 11.63 -3.82 20.01
N GLN B 237 10.68 -3.71 20.94
CA GLN B 237 11.00 -3.48 22.35
C GLN B 237 11.68 -4.63 23.12
N SER B 238 11.44 -5.89 22.74
CA SER B 238 12.02 -7.06 23.44
C SER B 238 13.15 -7.74 22.64
N LEU B 239 13.65 -6.97 21.68
CA LEU B 239 14.69 -7.36 20.75
C LEU B 239 16.01 -6.69 21.00
N ILE B 240 17.08 -7.46 20.84
CA ILE B 240 18.45 -6.95 20.96
C ILE B 240 19.17 -7.39 19.68
N PRO B 241 20.10 -6.55 19.19
CA PRO B 241 20.87 -6.85 17.96
C PRO B 241 21.94 -7.93 18.14
N PHE B 242 22.19 -8.78 17.13
CA PHE B 242 23.26 -9.77 17.29
C PHE B 242 24.54 -9.04 17.42
N VAL B 243 25.44 -9.73 18.11
CA VAL B 243 26.75 -9.23 18.35
C VAL B 243 27.63 -10.43 18.14
N GLN B 244 28.32 -10.42 17.01
CA GLN B 244 29.20 -11.52 16.67
C GLN B 244 30.47 -11.46 17.51
N LEU B 245 30.84 -12.62 18.02
CA LEU B 245 32.06 -12.76 18.83
C LEU B 245 32.88 -13.87 18.19
N PRO B 246 34.19 -13.89 18.47
CA PRO B 246 35.02 -14.95 17.89
C PRO B 246 34.53 -16.23 18.55
N PRO B 247 34.59 -17.37 17.86
CA PRO B 247 34.13 -18.62 18.46
C PRO B 247 35.07 -18.97 19.62
N SER B 248 34.52 -19.34 20.78
CA SER B 248 35.36 -19.62 21.94
C SER B 248 35.99 -21.01 21.99
N ASP B 249 37.11 -21.07 22.71
CA ASP B 249 37.87 -22.31 22.88
C ASP B 249 36.98 -23.50 23.21
N SER B 250 36.22 -23.41 24.30
CA SER B 250 35.35 -24.49 24.75
C SER B 250 34.27 -24.96 23.78
N VAL B 251 33.67 -24.07 23.01
CA VAL B 251 32.66 -24.53 22.07
C VAL B 251 33.37 -25.04 20.83
N CYS B 252 34.51 -24.43 20.53
CA CYS B 252 35.29 -24.89 19.39
C CYS B 252 35.58 -26.35 19.69
N GLU B 253 35.79 -26.64 20.98
CA GLU B 253 36.07 -28.00 21.44
C GLU B 253 34.76 -28.79 21.40
N GLU B 254 33.66 -28.13 21.78
CA GLU B 254 32.35 -28.77 21.77
C GLU B 254 32.10 -29.39 20.40
N TYR B 255 32.55 -28.71 19.35
CA TYR B 255 32.37 -29.18 17.97
C TYR B 255 33.62 -29.86 17.39
N GLY B 256 34.70 -29.87 18.14
CA GLY B 256 35.93 -30.47 17.65
C GLY B 256 36.60 -29.60 16.61
N LEU B 257 36.63 -28.29 16.90
CA LEU B 257 37.25 -27.32 16.00
C LEU B 257 38.59 -26.84 16.54
N SER B 258 39.46 -26.43 15.62
CA SER B 258 40.80 -25.97 15.97
C SER B 258 41.01 -24.53 15.54
N CYS B 259 41.94 -23.83 16.19
CA CYS B 259 42.26 -22.43 15.86
C CYS B 259 42.48 -22.35 14.38
N SER B 260 43.06 -23.43 13.86
CA SER B 260 43.36 -23.55 12.46
C SER B 260 42.07 -23.48 11.64
N ASP B 261 41.06 -24.26 12.01
CA ASP B 261 39.79 -24.25 11.29
C ASP B 261 39.10 -22.87 11.34
N ALA B 262 39.16 -22.21 12.50
CA ALA B 262 38.52 -20.91 12.72
C ALA B 262 39.21 -19.62 12.32
N LEU B 263 40.34 -19.67 11.61
CA LEU B 263 40.98 -18.41 11.22
C LEU B 263 40.39 -18.11 9.87
N HIS B 264 40.00 -19.17 9.17
CA HIS B 264 39.41 -19.04 7.86
C HIS B 264 38.00 -18.41 7.97
N ASN B 265 37.54 -18.22 9.21
CA ASN B 265 36.21 -17.66 9.47
C ASN B 265 35.80 -16.58 8.49
N LEU B 266 34.77 -16.90 7.69
CA LEU B 266 34.25 -15.97 6.71
C LEU B 266 32.78 -15.64 6.97
N PHE B 267 32.22 -16.23 8.01
CA PHE B 267 30.83 -15.99 8.40
C PHE B 267 30.57 -14.62 9.02
N TYR B 268 29.59 -13.89 8.50
CA TYR B 268 29.22 -12.59 9.07
C TYR B 268 27.76 -12.64 9.43
N ILE B 269 27.47 -12.67 10.72
CA ILE B 269 26.10 -12.76 11.22
C ILE B 269 25.54 -11.44 11.74
N SER B 270 24.28 -11.19 11.41
CA SER B 270 23.57 -9.98 11.83
C SER B 270 22.07 -10.22 11.95
N GLY B 271 21.39 -9.36 12.71
CA GLY B 271 19.96 -9.51 12.88
C GLY B 271 19.45 -9.10 14.26
N PHE B 272 18.31 -9.64 14.64
CA PHE B 272 17.73 -9.34 15.93
C PHE B 272 17.12 -10.58 16.57
N ILE B 273 17.11 -10.58 17.89
CA ILE B 273 16.55 -11.70 18.60
C ILE B 273 15.99 -11.18 19.92
N SER B 274 15.08 -11.96 20.48
CA SER B 274 14.44 -11.61 21.74
C SER B 274 15.40 -11.72 22.89
N GLN B 275 15.22 -10.88 23.90
CA GLN B 275 16.07 -10.94 25.08
C GLN B 275 15.62 -12.21 25.79
N CYS B 276 16.43 -12.71 26.71
CA CYS B 276 16.05 -13.91 27.45
C CYS B 276 15.20 -13.57 28.67
N THR B 277 15.15 -12.29 29.04
CA THR B 277 14.37 -11.83 30.20
C THR B 277 13.02 -12.54 30.25
N HIS B 278 12.67 -13.00 31.45
CA HIS B 278 11.41 -13.72 31.69
C HIS B 278 10.15 -13.14 31.03
N GLY B 279 9.36 -14.04 30.45
CA GLY B 279 8.09 -13.73 29.81
C GLY B 279 8.18 -12.88 28.57
N VAL B 280 9.40 -12.51 28.21
CA VAL B 280 9.64 -11.68 27.06
C VAL B 280 9.58 -12.39 25.70
N GLY B 281 9.66 -13.73 25.67
CA GLY B 281 9.63 -14.44 24.39
C GLY B 281 8.29 -14.79 23.78
N ARG B 282 8.30 -15.62 22.73
CA ARG B 282 7.09 -16.07 22.02
C ARG B 282 6.73 -17.44 22.56
N SER B 283 5.55 -17.95 22.21
CA SER B 283 5.12 -19.26 22.68
C SER B 283 5.27 -20.27 21.54
N SER B 284 5.71 -19.79 20.38
CA SER B 284 5.90 -20.66 19.23
C SER B 284 6.98 -20.24 18.23
N THR B 285 7.06 -21.02 17.17
CA THR B 285 8.01 -20.84 16.07
C THR B 285 7.49 -19.85 15.04
N ASP B 286 6.39 -19.18 15.35
CA ASP B 286 5.78 -18.26 14.39
C ASP B 286 6.68 -17.16 13.82
N ARG B 287 7.41 -16.41 14.63
CA ARG B 287 8.25 -15.38 14.01
C ARG B 287 9.75 -15.66 14.06
N GLN B 288 10.21 -16.64 13.29
CA GLN B 288 11.64 -16.97 13.21
C GLN B 288 12.05 -16.96 11.72
N PHE B 289 12.84 -15.96 11.33
CA PHE B 289 13.27 -15.81 9.95
C PHE B 289 14.78 -15.91 9.78
N PHE B 290 15.18 -16.85 8.94
CA PHE B 290 16.59 -17.08 8.68
C PHE B 290 16.93 -16.76 7.23
N PHE B 291 18.11 -16.17 7.02
CA PHE B 291 18.55 -15.84 5.68
C PHE B 291 20.00 -16.21 5.46
N ILE B 292 20.31 -16.74 4.28
CA ILE B 292 21.68 -17.08 3.93
C ILE B 292 21.94 -16.17 2.76
N ASN B 293 22.77 -15.16 2.98
CA ASN B 293 23.05 -14.19 1.95
C ASN B 293 21.73 -13.60 1.45
N ARG B 294 21.00 -12.98 2.37
CA ARG B 294 19.72 -12.31 2.09
C ARG B 294 18.64 -13.16 1.41
N ARG B 295 18.78 -14.48 1.43
CA ARG B 295 17.76 -15.32 0.83
C ARG B 295 17.02 -16.06 1.93
N PRO B 296 15.71 -15.97 1.94
CA PRO B 296 14.94 -16.66 2.99
C PRO B 296 15.18 -18.17 2.84
N CYS B 297 15.41 -18.86 3.94
CA CYS B 297 15.63 -20.32 3.91
C CYS B 297 15.52 -20.93 5.30
N ASP B 298 15.57 -22.26 5.37
CA ASP B 298 15.51 -22.94 6.66
C ASP B 298 16.67 -23.87 6.93
N PRO B 299 17.69 -23.38 7.63
CA PRO B 299 18.80 -24.29 7.93
C PRO B 299 18.34 -25.01 9.19
N ALA B 300 17.99 -26.29 9.06
CA ALA B 300 17.49 -27.06 10.19
C ALA B 300 18.38 -27.01 11.43
N LYS B 301 19.70 -27.13 11.24
CA LYS B 301 20.62 -27.12 12.36
C LYS B 301 20.82 -25.75 13.01
N VAL B 302 20.98 -24.71 12.19
CA VAL B 302 21.16 -23.35 12.70
C VAL B 302 19.89 -22.88 13.43
N CYS B 303 18.75 -23.46 13.03
CA CYS B 303 17.45 -23.13 13.62
C CYS B 303 17.31 -23.77 15.00
N ARG B 304 17.69 -25.05 15.07
CA ARG B 304 17.65 -25.85 16.28
C ARG B 304 18.47 -25.18 17.37
N LEU B 305 19.67 -24.76 16.95
CA LEU B 305 20.63 -24.10 17.82
C LEU B 305 20.09 -22.83 18.45
N VAL B 306 19.62 -21.94 17.57
CA VAL B 306 19.04 -20.64 17.87
C VAL B 306 18.01 -20.76 18.96
N ASN B 307 17.31 -21.90 18.93
CA ASN B 307 16.29 -22.20 19.92
C ASN B 307 16.96 -22.84 21.14
N GLU B 308 17.81 -23.81 20.87
CA GLU B 308 18.51 -24.55 21.90
C GLU B 308 19.22 -23.64 22.88
N VAL B 309 19.89 -22.61 22.38
CA VAL B 309 20.63 -21.68 23.22
C VAL B 309 19.69 -20.78 24.02
N TYR B 310 18.66 -20.27 23.36
CA TYR B 310 17.69 -19.41 24.02
C TYR B 310 17.06 -20.25 25.11
N HIS B 311 16.99 -21.55 24.82
CA HIS B 311 16.38 -22.50 25.73
C HIS B 311 17.16 -22.90 26.95
N MET B 312 18.45 -22.63 26.96
CA MET B 312 19.24 -22.92 28.13
C MET B 312 18.96 -21.71 29.04
N TYR B 313 18.23 -20.75 28.50
CA TYR B 313 17.87 -19.49 29.17
C TYR B 313 16.41 -19.34 29.50
N ASN B 314 15.62 -19.36 28.43
CA ASN B 314 14.21 -19.23 28.57
C ASN B 314 13.61 -20.58 28.21
N ARG B 315 13.42 -21.35 29.25
CA ARG B 315 12.87 -22.70 29.22
C ARG B 315 11.73 -22.96 28.25
N HIS B 316 10.60 -22.32 28.54
CA HIS B 316 9.37 -22.53 27.78
C HIS B 316 8.93 -21.55 26.69
N GLN B 317 9.66 -20.46 26.47
CA GLN B 317 9.28 -19.52 25.41
C GLN B 317 10.29 -19.58 24.25
N TYR B 318 9.83 -19.41 23.02
CA TYR B 318 10.73 -19.41 21.85
C TYR B 318 11.00 -17.94 21.53
N PRO B 319 12.14 -17.62 20.91
CA PRO B 319 12.42 -16.21 20.62
C PRO B 319 12.00 -15.73 19.25
N PHE B 320 11.98 -14.40 19.13
CA PHE B 320 11.68 -13.75 17.86
C PHE B 320 13.05 -13.74 17.23
N VAL B 321 13.14 -14.21 15.99
CA VAL B 321 14.41 -14.29 15.32
C VAL B 321 14.46 -13.80 13.88
N VAL B 322 15.46 -12.98 13.59
CA VAL B 322 15.73 -12.49 12.25
C VAL B 322 17.24 -12.60 12.18
N LEU B 323 17.71 -13.62 11.48
CA LEU B 323 19.15 -13.83 11.38
C LEU B 323 19.61 -14.03 9.96
N ASN B 324 20.55 -13.19 9.55
CA ASN B 324 21.08 -13.31 8.19
C ASN B 324 22.52 -13.80 8.29
N ILE B 325 22.83 -14.87 7.57
CA ILE B 325 24.18 -15.42 7.55
C ILE B 325 24.87 -15.04 6.23
N SER B 326 25.84 -14.14 6.31
CA SER B 326 26.55 -13.68 5.13
C SER B 326 27.87 -14.43 4.99
N VAL B 327 28.03 -15.17 3.89
CA VAL B 327 29.26 -15.94 3.64
C VAL B 327 29.62 -16.06 2.14
N ASP B 328 30.89 -16.30 1.82
CA ASP B 328 31.39 -16.39 0.44
C ASP B 328 30.81 -17.46 -0.47
N SER B 329 30.99 -17.23 -1.76
CA SER B 329 30.54 -18.16 -2.80
C SER B 329 31.23 -19.52 -2.69
N GLU B 330 32.26 -19.63 -1.86
CA GLU B 330 32.92 -20.92 -1.72
C GLU B 330 32.25 -21.81 -0.68
N CYS B 331 31.04 -21.45 -0.24
CA CYS B 331 30.40 -22.25 0.80
C CYS B 331 28.94 -22.67 0.64
N VAL B 332 28.26 -22.11 -0.34
CA VAL B 332 26.86 -22.44 -0.53
C VAL B 332 26.68 -23.40 -1.69
N ASP B 333 26.44 -24.65 -1.30
CA ASP B 333 26.28 -25.79 -2.17
C ASP B 333 24.81 -26.21 -2.24
N ILE B 343 19.68 -25.79 1.81
CA ILE B 343 20.82 -24.96 1.43
C ILE B 343 21.78 -25.12 2.55
N LEU B 344 22.72 -25.93 2.09
CA LEU B 344 23.83 -26.44 2.78
C LEU B 344 25.05 -25.62 2.58
N LEU B 345 25.53 -25.21 3.74
CA LEU B 345 26.72 -24.46 3.86
C LEU B 345 27.77 -25.56 3.95
N GLN B 346 29.03 -25.16 3.79
CA GLN B 346 30.09 -26.13 3.79
C GLN B 346 30.68 -26.52 5.14
N GLU B 347 31.21 -25.56 5.88
CA GLU B 347 31.75 -25.90 7.18
C GLU B 347 30.74 -25.33 8.14
N GLU B 348 29.60 -25.99 8.24
CA GLU B 348 28.56 -25.49 9.11
C GLU B 348 29.05 -25.35 10.54
N LYS B 349 29.95 -26.25 10.90
CA LYS B 349 30.50 -26.28 12.24
C LYS B 349 31.05 -24.94 12.76
N LEU B 350 31.94 -24.32 12.01
CA LEU B 350 32.50 -23.05 12.45
C LEU B 350 31.39 -22.02 12.73
N LEU B 351 30.36 -22.04 11.88
CA LEU B 351 29.23 -21.13 12.02
C LEU B 351 28.50 -21.34 13.34
N LEU B 352 28.21 -22.60 13.65
CA LEU B 352 27.52 -22.96 14.88
C LEU B 352 28.35 -22.54 16.09
N ALA B 353 29.66 -22.74 16.00
CA ALA B 353 30.55 -22.36 17.09
C ALA B 353 30.46 -20.85 17.29
N VAL B 354 30.45 -20.13 16.18
CA VAL B 354 30.37 -18.66 16.17
C VAL B 354 29.01 -18.24 16.69
N LEU B 355 27.97 -18.86 16.15
CA LEU B 355 26.60 -18.57 16.53
C LEU B 355 26.36 -18.77 18.04
N LYS B 356 26.70 -19.96 18.55
CA LYS B 356 26.50 -20.24 19.97
C LYS B 356 27.30 -19.33 20.88
N THR B 357 28.57 -19.15 20.58
CA THR B 357 29.43 -18.31 21.40
C THR B 357 28.83 -16.91 21.46
N SER B 358 28.33 -16.44 20.32
CA SER B 358 27.74 -15.11 20.22
C SER B 358 26.49 -14.92 21.07
N LEU B 359 25.55 -15.85 20.95
CA LEU B 359 24.31 -15.80 21.71
C LEU B 359 24.55 -15.75 23.22
N ILE B 360 25.42 -16.63 23.70
CA ILE B 360 25.77 -16.70 25.12
C ILE B 360 26.29 -15.36 25.63
N GLY B 361 27.17 -14.73 24.84
CA GLY B 361 27.71 -13.44 25.25
C GLY B 361 26.65 -12.36 25.32
N MET B 362 25.61 -12.49 24.50
CA MET B 362 24.52 -11.52 24.48
C MET B 362 23.55 -11.79 25.63
N PHE B 363 23.30 -13.08 25.89
CA PHE B 363 22.39 -13.50 26.95
C PHE B 363 22.94 -13.44 28.39
N ASP B 364 24.24 -13.75 28.55
CA ASP B 364 24.88 -13.71 29.86
C ASP B 364 24.62 -12.40 30.56
N SER B 365 24.79 -11.35 29.89
MG MG C . -0.17 21.35 -1.04
PG AGS D . -1.25 24.36 -2.24
S1G AGS D . -2.38 23.83 -3.67
O2G AGS D . -1.02 25.69 -2.20
O3G AGS D . -1.65 23.59 -1.04
PB AGS D . 1.47 23.63 -3.04
O1B AGS D . 2.02 22.37 -3.35
O2B AGS D . 2.20 24.93 -3.66
O3B AGS D . 0.16 23.44 -2.50
PA AGS D . 2.47 23.23 -0.26
O1A AGS D . 1.62 22.31 0.28
O2A AGS D . 3.35 23.95 0.86
O3A AGS D . 2.42 23.19 -1.81
O5' AGS D . 3.56 22.49 -0.71
C5' AGS D . 4.71 22.28 -1.26
C4' AGS D . 6.15 22.14 -1.68
O4' AGS D . 6.64 20.95 -0.95
C3' AGS D . 5.75 21.88 -3.04
O3' AGS D . 5.81 22.91 -4.00
C2' AGS D . 6.50 20.57 -3.40
O2' AGS D . 7.61 20.86 -4.22
C1' AGS D . 6.92 19.93 -2.02
N9 AGS D . 6.19 18.68 -1.66
C8 AGS D . 5.21 18.45 -0.68
N7 AGS D . 4.79 17.23 -0.62
C5 AGS D . 5.52 16.62 -1.63
C6 AGS D . 5.56 15.26 -2.14
N6 AGS D . 4.80 14.30 -1.63
N1 AGS D . 6.45 14.96 -3.18
C2 AGS D . 7.23 15.92 -3.71
N3 AGS D . 7.28 17.21 -3.34
C4 AGS D . 6.38 17.49 -2.26
MG MG E . 11.71 -16.02 -11.55
PG AGS F . 13.98 -18.46 -12.28
S1G AGS F . 15.54 -18.24 -11.39
O2G AGS F . 14.10 -19.57 -13.28
O3G AGS F . 12.81 -18.53 -11.37
PB AGS F . 14.12 -16.75 -14.51
O1B AGS F . 14.35 -15.38 -14.83
O2B AGS F . 14.44 -17.80 -15.45
O3B AGS F . 13.86 -17.07 -13.01
PA AGS F . 11.11 -16.90 -15.06
O1A AGS F . 10.08 -16.47 -14.16
O2A AGS F . 10.77 -17.78 -16.17
O3A AGS F . 12.58 -16.41 -14.94
O5' AGS F . 11.01 -15.56 -15.60
C5' AGS F . 11.46 -14.69 -16.43
C4' AGS F . 11.57 -13.82 -17.61
O4' AGS F . 10.47 -12.90 -17.50
C3' AGS F . 12.86 -13.25 -17.15
O3' AGS F . 13.97 -13.49 -17.97
C2' AGS F . 12.55 -11.76 -16.89
O2' AGS F . 13.30 -10.94 -17.78
C1' AGS F . 11.00 -11.58 -17.11
N9 AGS F . 10.22 -11.11 -15.93
C8 AGS F . 9.41 -11.82 -15.05
N7 AGS F . 8.85 -11.09 -14.14
C5 AGS F . 9.33 -9.83 -14.44
C6 AGS F . 9.12 -8.54 -13.82
N6 AGS F . 8.34 -8.40 -12.77
N1 AGS F . 9.75 -7.44 -14.37
C2 AGS F . 10.55 -7.57 -15.44
N3 AGS F . 10.82 -8.72 -16.11
C4 AGS F . 10.17 -9.83 -15.52
#